data_3K9J
#
_entry.id   3K9J
#
_cell.length_a   79.158
_cell.length_b   45.411
_cell.length_c   90.678
_cell.angle_alpha   90.00
_cell.angle_beta   113.81
_cell.angle_gamma   90.00
#
_symmetry.space_group_name_H-M   'P 1 21 1'
#
loop_
_entity.id
_entity.type
_entity.pdbx_description
1 polymer 'Histone-lysine N-methyltransferase SETMAR'
2 non-polymer 'CALCIUM ION'
3 non-polymer 1,2-ETHANEDIOL
4 water water
#
_entity_poly.entity_id   1
_entity_poly.type   'polypeptide(L)'
_entity_poly.pdbx_seq_one_letter_code
;HLKQIEKVKKLDKWVPHELTENQKNRRFEVSSSLILRNHNEPFLDRIVTCDEKWILYDNRRRSAQWLDQEEAPKHFPKPI
LHPKKVMVTIWWSAAGLIHYSFLNPGETITSEKYAQEIDEMNQKLQRLQLALVRRKRPILLHDNARPHVAQPTLQKLNEL
GYEVLPHPPYSPDLLPTNYHVFKHLNNFLQGKRFHNQQDAENAFQEFVESQSTDFYWTGINQLISRWQKCVDCNGSYFD
;
_entity_poly.pdbx_strand_id   A,B
#
loop_
_chem_comp.id
_chem_comp.type
_chem_comp.name
_chem_comp.formula
CA non-polymer 'CALCIUM ION' 'Ca 2'
EDO non-polymer 1,2-ETHANEDIOL 'C2 H6 O2'
#
# COMPACT_ATOMS: atom_id res chain seq x y z
N PRO A 16 3.05 -10.93 -15.72
CA PRO A 16 3.08 -10.96 -17.19
C PRO A 16 2.81 -12.36 -17.73
N HIS A 17 3.68 -12.84 -18.61
CA HIS A 17 3.51 -14.15 -19.24
C HIS A 17 3.04 -15.18 -18.22
N GLU A 18 3.48 -14.99 -16.99
CA GLU A 18 2.98 -15.79 -15.88
C GLU A 18 3.32 -15.06 -14.59
N LEU A 19 2.29 -14.83 -13.77
CA LEU A 19 2.53 -14.24 -12.46
C LEU A 19 3.37 -15.22 -11.66
N THR A 20 4.37 -14.70 -10.95
CA THR A 20 5.11 -15.52 -10.01
C THR A 20 4.30 -15.67 -8.72
N GLU A 21 4.77 -16.55 -7.85
CA GLU A 21 4.12 -16.75 -6.56
C GLU A 21 4.01 -15.45 -5.79
N ASN A 22 5.14 -14.73 -5.69
CA ASN A 22 5.15 -13.44 -5.01
C ASN A 22 4.18 -12.42 -5.61
N GLN A 23 4.13 -12.38 -6.94
CA GLN A 23 3.28 -11.39 -7.61
C GLN A 23 1.81 -11.67 -7.33
N LYS A 24 1.46 -12.95 -7.28
CA LYS A 24 0.10 -13.33 -6.93
C LYS A 24 -0.22 -12.95 -5.50
N ASN A 25 0.74 -13.19 -4.59
CA ASN A 25 0.59 -12.84 -3.19
C ASN A 25 0.36 -11.33 -3.00
N ARG A 26 1.08 -10.52 -3.77
CA ARG A 26 0.97 -9.06 -3.66
C ARG A 26 -0.39 -8.60 -4.16
N ARG A 27 -0.86 -9.20 -5.26
CA ARG A 27 -2.22 -8.93 -5.76
C ARG A 27 -3.29 -9.30 -4.73
N PHE A 28 -3.18 -10.51 -4.17
CA PHE A 28 -4.13 -10.97 -3.17
C PHE A 28 -4.17 -10.04 -1.97
N GLU A 29 -2.98 -9.73 -1.44
CA GLU A 29 -2.83 -8.83 -0.31
C GLU A 29 -3.53 -7.47 -0.52
N VAL A 30 -3.19 -6.81 -1.61
CA VAL A 30 -3.74 -5.48 -1.88
C VAL A 30 -5.25 -5.51 -2.14
N SER A 31 -5.71 -6.43 -3.00
CA SER A 31 -7.14 -6.58 -3.27
C SER A 31 -7.93 -6.80 -2.00
N SER A 32 -7.45 -7.70 -1.15
CA SER A 32 -8.14 -8.02 0.08
C SER A 32 -8.26 -6.81 0.99
N SER A 33 -7.16 -6.07 1.13
CA SER A 33 -7.16 -4.90 1.98
C SER A 33 -8.05 -3.78 1.42
N LEU A 34 -8.05 -3.59 0.10
CA LEU A 34 -8.93 -2.59 -0.51
C LEU A 34 -10.41 -2.91 -0.32
N ILE A 35 -10.80 -4.18 -0.49
CA ILE A 35 -12.18 -4.59 -0.21
C ILE A 35 -12.58 -4.27 1.23
N LEU A 36 -11.73 -4.66 2.19
CA LEU A 36 -11.99 -4.45 3.60
C LEU A 36 -12.03 -2.96 3.94
N ARG A 37 -11.07 -2.23 3.38
CA ARG A 37 -10.98 -0.80 3.64
C ARG A 37 -12.26 -0.13 3.17
N ASN A 38 -12.68 -0.48 1.96
CA ASN A 38 -13.87 0.14 1.36
C ASN A 38 -15.16 -0.22 2.10
N HIS A 39 -15.19 -1.44 2.63
CA HIS A 39 -16.34 -1.90 3.39
C HIS A 39 -16.47 -1.06 4.64
N ASN A 40 -15.35 -0.84 5.31
CA ASN A 40 -15.32 -0.11 6.56
C ASN A 40 -15.49 1.39 6.36
N GLU A 41 -14.79 1.95 5.37
CA GLU A 41 -14.87 3.38 5.11
C GLU A 41 -14.86 3.63 3.61
N PRO A 42 -16.06 3.62 3.01
CA PRO A 42 -16.22 3.73 1.57
C PRO A 42 -15.40 4.87 0.98
N PHE A 43 -14.64 4.58 -0.06
CA PHE A 43 -13.83 5.63 -0.66
C PHE A 43 -13.95 5.72 -2.18
N LEU A 44 -14.81 4.89 -2.78
CA LEU A 44 -14.85 4.82 -4.23
C LEU A 44 -15.10 6.18 -4.87
N ASP A 45 -15.98 6.97 -4.27
CA ASP A 45 -16.33 8.27 -4.87
C ASP A 45 -15.25 9.32 -4.67
N ARG A 46 -14.16 8.98 -4.00
CA ARG A 46 -13.07 9.94 -3.84
C ARG A 46 -11.96 9.64 -4.83
N ILE A 47 -12.09 8.51 -5.52
CA ILE A 47 -10.99 8.04 -6.36
C ILE A 47 -10.86 8.91 -7.60
N VAL A 48 -9.62 9.31 -7.90
CA VAL A 48 -9.27 9.90 -9.17
C VAL A 48 -8.31 8.91 -9.79
N THR A 49 -8.54 8.54 -11.04
CA THR A 49 -7.65 7.58 -11.67
C THR A 49 -7.22 8.06 -13.06
N CYS A 50 -6.15 7.46 -13.57
CA CYS A 50 -5.58 7.94 -14.81
C CYS A 50 -4.69 6.89 -15.45
N ASP A 51 -4.35 7.13 -16.72
CA ASP A 51 -3.41 6.28 -17.44
C ASP A 51 -3.08 6.91 -18.79
N GLU A 52 -2.02 6.40 -19.43
CA GLU A 52 -1.59 6.90 -20.74
C GLU A 52 -1.78 5.83 -21.81
N LYS A 53 -2.04 6.26 -23.04
CA LYS A 53 -2.20 5.33 -24.15
C LYS A 53 -1.67 5.96 -25.45
N TRP A 54 -1.03 5.16 -26.28
CA TRP A 54 -0.66 5.60 -27.62
C TRP A 54 -1.88 5.53 -28.52
N ILE A 55 -2.15 6.60 -29.24
CA ILE A 55 -3.20 6.54 -30.25
C ILE A 55 -2.53 6.52 -31.63
N LEU A 56 -2.69 5.42 -32.35
CA LEU A 56 -2.07 5.27 -33.67
C LEU A 56 -2.87 6.02 -34.72
N TYR A 57 -2.16 6.63 -35.66
CA TYR A 57 -2.82 7.27 -36.79
C TYR A 57 -3.54 6.21 -37.61
N ASP A 58 -2.86 5.10 -37.87
CA ASP A 58 -3.46 3.99 -38.61
C ASP A 58 -3.71 2.80 -37.70
N ASN A 59 -4.97 2.44 -37.52
CA ASN A 59 -5.32 1.32 -36.65
C ASN A 59 -6.60 0.61 -37.08
N PRO A 83 7.12 10.04 -36.50
CA PRO A 83 5.94 10.28 -35.65
C PRO A 83 4.91 9.16 -35.79
N LYS A 84 3.69 9.52 -36.17
CA LYS A 84 2.61 8.55 -36.42
C LYS A 84 2.03 7.91 -35.15
N LYS A 85 2.40 8.44 -34.00
CA LYS A 85 1.77 8.09 -32.72
C LYS A 85 1.65 9.35 -31.87
N VAL A 86 0.51 9.52 -31.22
CA VAL A 86 0.37 10.57 -30.21
C VAL A 86 -0.14 9.97 -28.90
N MET A 87 0.52 10.30 -27.80
CA MET A 87 0.15 9.76 -26.50
C MET A 87 -0.90 10.63 -25.82
N VAL A 88 -1.98 10.00 -25.35
CA VAL A 88 -2.99 10.73 -24.60
C VAL A 88 -2.94 10.30 -23.12
N THR A 89 -3.06 11.25 -22.21
CA THR A 89 -3.25 10.89 -20.80
C THR A 89 -4.63 11.36 -20.37
N ILE A 90 -5.30 10.53 -19.58
CA ILE A 90 -6.68 10.82 -19.19
C ILE A 90 -6.87 10.64 -17.68
N TRP A 91 -7.61 11.56 -17.08
CA TRP A 91 -7.80 11.63 -15.63
C TRP A 91 -9.27 11.74 -15.36
N TRP A 92 -9.79 10.90 -14.47
CA TRP A 92 -11.23 10.87 -14.28
C TRP A 92 -11.63 10.29 -12.94
N SER A 93 -12.90 10.48 -12.57
CA SER A 93 -13.43 9.89 -11.35
C SER A 93 -14.81 9.37 -11.68
N ALA A 94 -15.46 8.76 -10.70
CA ALA A 94 -16.83 8.28 -10.87
C ALA A 94 -17.74 9.42 -11.29
N ALA A 95 -17.40 10.65 -10.91
CA ALA A 95 -18.24 11.79 -11.25
C ALA A 95 -18.17 12.09 -12.74
N GLY A 96 -16.99 11.87 -13.31
CA GLY A 96 -16.81 12.02 -14.76
C GLY A 96 -15.39 12.34 -15.16
N LEU A 97 -15.24 12.72 -16.43
CA LEU A 97 -13.96 13.10 -16.99
C LEU A 97 -13.44 14.36 -16.32
N ILE A 98 -12.17 14.38 -15.96
CA ILE A 98 -11.60 15.55 -15.30
C ILE A 98 -10.66 16.30 -16.22
N HIS A 99 -9.76 15.57 -16.85
CA HIS A 99 -8.73 16.20 -17.65
C HIS A 99 -8.14 15.18 -18.61
N TYR A 100 -7.81 15.63 -19.81
CA TYR A 100 -6.98 14.82 -20.68
C TYR A 100 -6.18 15.75 -21.55
N SER A 101 -5.04 15.27 -22.04
CA SER A 101 -4.20 16.08 -22.89
C SER A 101 -3.34 15.17 -23.72
N PHE A 102 -2.99 15.64 -24.91
CA PHE A 102 -2.09 14.90 -25.79
C PHE A 102 -0.69 15.48 -25.69
N LEU A 103 0.31 14.63 -25.75
CA LEU A 103 1.69 15.08 -25.82
C LEU A 103 2.00 15.40 -27.28
N ASN A 104 3.18 15.94 -27.54
CA ASN A 104 3.63 16.15 -28.93
C ASN A 104 3.91 14.80 -29.57
N PRO A 105 3.52 14.64 -30.85
CA PRO A 105 3.63 13.35 -31.52
C PRO A 105 4.95 12.65 -31.22
N GLY A 106 4.86 11.36 -30.90
CA GLY A 106 6.03 10.54 -30.63
C GLY A 106 6.62 10.74 -29.25
N GLU A 107 6.18 11.76 -28.54
CA GLU A 107 6.74 12.07 -27.23
C GLU A 107 6.13 11.20 -26.14
N THR A 108 6.99 10.77 -25.22
CA THR A 108 6.54 9.97 -24.07
C THR A 108 6.59 10.85 -22.82
N ILE A 109 5.78 10.51 -21.82
CA ILE A 109 5.67 11.37 -20.64
C ILE A 109 6.82 11.19 -19.65
N THR A 110 7.29 12.30 -19.12
CA THR A 110 8.35 12.31 -18.11
C THR A 110 7.76 12.64 -16.73
N SER A 111 8.54 12.43 -15.68
CA SER A 111 8.04 12.68 -14.33
C SER A 111 7.74 14.16 -14.11
N GLU A 112 8.62 15.02 -14.61
CA GLU A 112 8.41 16.47 -14.54
C GLU A 112 7.11 16.89 -15.24
N LYS A 113 6.74 16.19 -16.30
CA LYS A 113 5.56 16.54 -17.07
C LYS A 113 4.31 15.96 -16.44
N TYR A 114 4.44 14.75 -15.88
CA TYR A 114 3.34 14.14 -15.15
C TYR A 114 3.00 15.06 -13.97
N ALA A 115 4.01 15.56 -13.28
CA ALA A 115 3.80 16.51 -12.18
C ALA A 115 3.04 17.74 -12.68
N GLN A 116 3.39 18.20 -13.87
CA GLN A 116 2.67 19.30 -14.49
C GLN A 116 1.21 18.94 -14.76
N GLU A 117 0.98 17.76 -15.33
CA GLU A 117 -0.39 17.33 -15.65
C GLU A 117 -1.21 17.20 -14.39
N ILE A 118 -0.58 16.71 -13.32
CA ILE A 118 -1.24 16.55 -12.04
C ILE A 118 -1.73 17.92 -11.60
N ASP A 119 -0.87 18.90 -11.71
CA ASP A 119 -1.23 20.27 -11.35
C ASP A 119 -2.43 20.78 -12.16
N GLU A 120 -2.44 20.49 -13.46
CA GLU A 120 -3.52 20.96 -14.33
C GLU A 120 -4.81 20.25 -13.97
N MET A 121 -4.70 18.94 -13.79
CA MET A 121 -5.84 18.11 -13.44
C MET A 121 -6.47 18.63 -12.16
N ASN A 122 -5.62 18.91 -11.17
CA ASN A 122 -6.09 19.32 -9.84
C ASN A 122 -6.84 20.65 -9.88
N GLN A 123 -6.37 21.59 -10.70
CA GLN A 123 -7.09 22.83 -10.94
C GLN A 123 -8.47 22.58 -11.53
N LYS A 124 -8.53 21.69 -12.50
CA LYS A 124 -9.82 21.34 -13.10
C LYS A 124 -10.74 20.67 -12.09
N LEU A 125 -10.15 19.81 -11.26
CA LEU A 125 -10.94 19.09 -10.26
C LEU A 125 -11.56 20.06 -9.26
N GLN A 126 -10.76 21.01 -8.78
CA GLN A 126 -11.25 22.02 -7.84
C GLN A 126 -12.45 22.76 -8.42
N ARG A 127 -12.37 23.11 -9.70
CA ARG A 127 -13.50 23.76 -10.36
C ARG A 127 -14.76 22.89 -10.40
N LEU A 128 -14.61 21.59 -10.59
CA LEU A 128 -15.76 20.69 -10.59
C LEU A 128 -16.45 20.55 -9.23
N GLN A 129 -15.66 20.54 -8.15
CA GLN A 129 -16.20 20.32 -6.82
C GLN A 129 -16.81 21.60 -6.26
N LEU A 130 -16.75 22.65 -7.06
CA LEU A 130 -17.08 23.99 -6.63
C LEU A 130 -18.43 24.03 -5.90
N ALA A 131 -19.39 23.25 -6.39
CA ALA A 131 -20.75 23.32 -5.87
C ALA A 131 -21.16 22.15 -4.95
N LEU A 132 -20.21 21.30 -4.58
CA LEU A 132 -20.51 20.19 -3.68
C LEU A 132 -20.76 20.71 -2.27
N VAL A 133 -21.79 20.19 -1.62
CA VAL A 133 -22.13 20.59 -0.25
C VAL A 133 -21.21 19.95 0.78
N ARG A 134 -20.42 18.98 0.34
CA ARG A 134 -19.57 18.19 1.22
C ARG A 134 -18.41 17.62 0.41
N ARG A 135 -17.18 18.03 0.74
CA ARG A 135 -16.01 17.64 -0.06
C ARG A 135 -14.94 16.94 0.79
N LYS A 136 -14.34 15.89 0.24
CA LYS A 136 -13.27 15.15 0.92
C LYS A 136 -12.08 15.00 -0.04
N ARG A 137 -10.87 14.87 0.50
CA ARG A 137 -9.69 14.83 -0.38
C ARG A 137 -9.67 13.63 -1.33
N PRO A 138 -9.19 13.85 -2.56
CA PRO A 138 -9.12 12.78 -3.55
C PRO A 138 -8.02 11.77 -3.24
N ILE A 139 -8.20 10.56 -3.76
CA ILE A 139 -7.19 9.50 -3.69
C ILE A 139 -6.82 9.08 -5.11
N LEU A 140 -5.52 9.03 -5.40
CA LEU A 140 -5.07 8.69 -6.75
C LEU A 140 -4.90 7.20 -6.88
N LEU A 141 -5.46 6.64 -7.95
CA LEU A 141 -5.21 5.24 -8.27
C LEU A 141 -4.51 5.25 -9.62
N HIS A 142 -3.25 4.89 -9.63
CA HIS A 142 -2.50 4.82 -10.89
C HIS A 142 -1.50 3.71 -10.79
N ASP A 143 -0.88 3.37 -11.91
CA ASP A 143 0.03 2.24 -11.92
C ASP A 143 1.48 2.62 -11.66
N ASN A 144 2.28 1.58 -11.43
CA ASN A 144 3.66 1.76 -10.98
C ASN A 144 4.65 2.01 -12.12
N ALA A 145 4.13 2.50 -13.26
CA ALA A 145 4.96 2.94 -14.38
C ALA A 145 6.05 3.82 -13.80
N ARG A 146 7.23 3.81 -14.41
CA ARG A 146 8.36 4.45 -13.78
C ARG A 146 8.25 5.97 -13.61
N PRO A 147 7.78 6.67 -14.65
CA PRO A 147 7.52 8.10 -14.44
C PRO A 147 6.49 8.36 -13.34
N HIS A 148 5.56 7.41 -13.13
CA HIS A 148 4.52 7.50 -12.10
C HIS A 148 5.08 7.42 -10.68
N VAL A 149 6.23 6.77 -10.55
CA VAL A 149 6.78 6.49 -9.24
C VAL A 149 8.05 7.29 -8.87
N ALA A 150 8.34 8.36 -9.61
CA ALA A 150 9.58 9.16 -9.42
C ALA A 150 9.42 10.48 -8.65
N GLN A 151 10.54 11.05 -8.18
CA GLN A 151 10.49 12.06 -7.13
C GLN A 151 9.73 13.38 -7.41
N PRO A 152 9.83 13.92 -8.64
CA PRO A 152 9.07 15.16 -8.85
C PRO A 152 7.55 14.91 -8.76
N THR A 153 7.12 13.78 -9.32
CA THR A 153 5.73 13.39 -9.23
C THR A 153 5.28 13.18 -7.78
N LEU A 154 6.07 12.43 -7.02
CA LEU A 154 5.74 12.15 -5.62
C LEU A 154 5.66 13.43 -4.79
N GLN A 155 6.60 14.35 -5.02
CA GLN A 155 6.64 15.61 -4.30
C GLN A 155 5.37 16.42 -4.60
N LYS A 156 4.95 16.40 -5.86
CA LYS A 156 3.75 17.10 -6.27
C LYS A 156 2.50 16.50 -5.61
N LEU A 157 2.41 15.18 -5.58
CA LEU A 157 1.25 14.53 -4.98
C LEU A 157 1.18 14.87 -3.48
N ASN A 158 2.34 14.85 -2.83
CA ASN A 158 2.43 15.19 -1.41
C ASN A 158 2.05 16.65 -1.15
N GLU A 159 2.50 17.53 -2.04
CA GLU A 159 2.20 18.96 -1.93
C GLU A 159 0.70 19.25 -2.09
N LEU A 160 0.05 18.56 -3.02
CA LEU A 160 -1.38 18.76 -3.26
C LEU A 160 -2.29 17.98 -2.33
N GLY A 161 -1.70 17.09 -1.54
CA GLY A 161 -2.47 16.37 -0.53
C GLY A 161 -3.18 15.14 -1.07
N TYR A 162 -2.60 14.49 -2.07
CA TYR A 162 -3.20 13.29 -2.64
C TYR A 162 -2.59 12.07 -1.99
N GLU A 163 -3.45 11.34 -1.31
CA GLU A 163 -3.15 9.99 -0.88
C GLU A 163 -3.10 9.13 -2.15
N VAL A 164 -2.17 8.19 -2.24
CA VAL A 164 -2.15 7.25 -3.37
C VAL A 164 -2.59 5.85 -2.91
N LEU A 165 -3.55 5.23 -3.60
CA LEU A 165 -4.00 3.86 -3.25
C LEU A 165 -2.92 2.81 -3.56
N PRO A 166 -2.76 1.79 -2.68
CA PRO A 166 -1.87 0.68 -3.02
C PRO A 166 -2.28 0.01 -4.31
N HIS A 167 -1.32 -0.35 -5.14
CA HIS A 167 -1.62 -1.05 -6.38
C HIS A 167 -0.52 -2.09 -6.62
N PRO A 168 -0.90 -3.36 -6.79
CA PRO A 168 0.10 -4.41 -7.00
C PRO A 168 0.58 -4.38 -8.46
N PRO A 169 1.86 -4.74 -8.69
CA PRO A 169 2.44 -4.76 -10.04
C PRO A 169 1.70 -5.72 -10.96
N TYR A 170 1.79 -5.45 -12.26
CA TYR A 170 1.24 -6.32 -13.29
C TYR A 170 -0.25 -6.56 -13.12
N SER A 171 -0.97 -5.50 -12.79
CA SER A 171 -2.40 -5.65 -12.55
C SER A 171 -3.25 -4.61 -13.27
N PRO A 172 -3.19 -4.62 -14.62
CA PRO A 172 -4.06 -3.75 -15.44
C PRO A 172 -5.52 -4.09 -15.20
N ASP A 173 -5.77 -5.32 -14.76
CA ASP A 173 -7.14 -5.78 -14.55
C ASP A 173 -7.76 -5.15 -13.30
N LEU A 174 -6.95 -4.42 -12.54
CA LEU A 174 -7.45 -3.70 -11.37
C LEU A 174 -7.36 -2.19 -11.58
N LEU A 175 -7.01 -1.78 -12.79
CA LEU A 175 -6.89 -0.36 -13.15
C LEU A 175 -8.02 0.02 -14.12
N PRO A 176 -8.98 0.83 -13.63
CA PRO A 176 -10.21 1.12 -14.41
C PRO A 176 -9.95 1.78 -15.77
N THR A 177 -8.88 2.57 -15.89
CA THR A 177 -8.62 3.18 -17.20
C THR A 177 -8.30 2.06 -18.18
N ASN A 178 -7.59 1.04 -17.71
CA ASN A 178 -7.26 -0.07 -18.59
C ASN A 178 -8.41 -1.03 -18.85
N TYR A 179 -9.09 -1.47 -17.79
CA TYR A 179 -10.12 -2.47 -17.99
C TYR A 179 -11.43 -1.91 -18.48
N HIS A 180 -11.60 -0.59 -18.37
CA HIS A 180 -12.87 0.03 -18.71
C HIS A 180 -12.71 1.06 -19.83
N VAL A 181 -12.05 2.17 -19.56
CA VAL A 181 -12.02 3.25 -20.54
C VAL A 181 -11.30 2.82 -21.81
N PHE A 182 -10.10 2.30 -21.66
CA PHE A 182 -9.30 1.93 -22.83
C PHE A 182 -9.87 0.71 -23.54
N LYS A 183 -10.49 -0.20 -22.79
CA LYS A 183 -11.19 -1.32 -23.40
C LYS A 183 -12.24 -0.83 -24.39
N HIS A 184 -13.04 0.15 -23.96
CA HIS A 184 -14.09 0.69 -24.82
C HIS A 184 -13.53 1.58 -25.93
N LEU A 185 -12.45 2.30 -25.64
CA LEU A 185 -11.80 3.13 -26.65
C LEU A 185 -11.26 2.30 -27.80
N ASN A 186 -10.57 1.21 -27.46
CA ASN A 186 -10.09 0.25 -28.45
C ASN A 186 -11.19 -0.25 -29.39
N ASN A 187 -12.35 -0.59 -28.83
CA ASN A 187 -13.50 -1.00 -29.65
C ASN A 187 -13.89 0.10 -30.62
N PHE A 188 -13.86 1.33 -30.11
CA PHE A 188 -14.23 2.51 -30.89
C PHE A 188 -13.19 2.83 -31.97
N LEU A 189 -11.93 2.57 -31.67
CA LEU A 189 -10.84 2.91 -32.60
C LEU A 189 -10.70 1.84 -33.68
N GLN A 190 -10.98 0.61 -33.30
CA GLN A 190 -10.75 -0.55 -34.15
C GLN A 190 -11.35 -0.36 -35.54
N GLY A 191 -10.47 -0.13 -36.52
CA GLY A 191 -10.89 -0.01 -37.91
C GLY A 191 -10.90 1.40 -38.46
N LYS A 192 -10.37 2.37 -37.71
CA LYS A 192 -10.33 3.74 -38.18
C LYS A 192 -8.92 4.13 -38.61
N ARG A 193 -8.84 5.14 -39.47
CA ARG A 193 -7.57 5.66 -39.96
C ARG A 193 -7.51 7.17 -39.78
N PHE A 194 -6.30 7.67 -39.51
CA PHE A 194 -6.09 9.09 -39.34
C PHE A 194 -4.80 9.52 -40.04
N HIS A 195 -4.86 10.62 -40.79
CA HIS A 195 -3.67 11.13 -41.45
C HIS A 195 -2.93 12.10 -40.54
N ASN A 196 -3.69 12.76 -39.68
CA ASN A 196 -3.17 13.83 -38.87
C ASN A 196 -3.31 13.53 -37.38
N GLN A 197 -2.58 14.28 -36.56
CA GLN A 197 -2.77 14.22 -35.13
C GLN A 197 -4.14 14.78 -34.82
N GLN A 198 -4.51 15.84 -35.54
CA GLN A 198 -5.81 16.50 -35.39
C GLN A 198 -6.94 15.49 -35.51
N ASP A 199 -6.84 14.62 -36.50
CA ASP A 199 -7.88 13.63 -36.75
C ASP A 199 -7.91 12.61 -35.62
N ALA A 200 -6.73 12.24 -35.12
CA ALA A 200 -6.64 11.33 -34.00
C ALA A 200 -7.29 11.96 -32.76
N GLU A 201 -6.78 13.11 -32.35
CA GLU A 201 -7.35 13.87 -31.25
C GLU A 201 -8.85 14.05 -31.42
N ASN A 202 -9.28 14.41 -32.63
CA ASN A 202 -10.69 14.61 -32.90
C ASN A 202 -11.50 13.35 -32.66
N ALA A 203 -10.90 12.20 -32.99
CA ALA A 203 -11.56 10.92 -32.78
C ALA A 203 -11.65 10.62 -31.29
N PHE A 204 -10.65 11.09 -30.53
CA PHE A 204 -10.63 10.85 -29.09
C PHE A 204 -11.74 11.65 -28.42
N GLN A 205 -11.89 12.89 -28.86
CA GLN A 205 -12.93 13.77 -28.36
C GLN A 205 -14.31 13.21 -28.67
N GLU A 206 -14.48 12.68 -29.88
CA GLU A 206 -15.76 12.08 -30.26
C GLU A 206 -16.09 10.90 -29.34
N PHE A 207 -15.07 10.13 -28.97
CA PHE A 207 -15.29 8.97 -28.10
C PHE A 207 -15.79 9.44 -26.75
N VAL A 208 -15.08 10.39 -26.16
CA VAL A 208 -15.54 11.08 -24.96
C VAL A 208 -17.00 11.57 -25.09
N GLU A 209 -17.26 12.42 -26.09
CA GLU A 209 -18.59 12.98 -26.30
C GLU A 209 -19.64 11.91 -26.56
N SER A 210 -19.20 10.69 -26.80
CA SER A 210 -20.11 9.64 -27.19
C SER A 210 -20.62 8.80 -26.01
N GLN A 211 -19.98 8.94 -24.85
CA GLN A 211 -20.28 8.12 -23.67
C GLN A 211 -21.48 8.56 -22.83
N SER A 212 -22.21 7.59 -22.29
CA SER A 212 -23.29 7.92 -21.35
C SER A 212 -22.70 8.70 -20.16
N THR A 213 -23.54 9.46 -19.48
CA THR A 213 -23.06 10.31 -18.38
C THR A 213 -22.50 9.43 -17.24
N ASP A 214 -23.08 8.25 -17.10
CA ASP A 214 -22.73 7.33 -16.00
C ASP A 214 -21.64 6.34 -16.36
N PHE A 215 -21.02 6.54 -17.51
CA PHE A 215 -19.99 5.63 -18.02
C PHE A 215 -18.81 5.44 -17.04
N TYR A 216 -18.29 6.54 -16.51
CA TYR A 216 -17.17 6.45 -15.55
C TYR A 216 -17.63 5.87 -14.22
N TRP A 217 -18.77 6.35 -13.74
CA TRP A 217 -19.39 5.82 -12.52
C TRP A 217 -19.47 4.30 -12.52
N THR A 218 -19.90 3.74 -13.65
CA THR A 218 -20.01 2.29 -13.77
C THR A 218 -18.65 1.62 -13.70
N GLY A 219 -17.66 2.21 -14.36
CA GLY A 219 -16.31 1.68 -14.33
C GLY A 219 -15.73 1.55 -12.92
N ILE A 220 -15.91 2.59 -12.11
CA ILE A 220 -15.38 2.60 -10.75
C ILE A 220 -16.13 1.59 -9.89
N ASN A 221 -17.44 1.51 -10.09
CA ASN A 221 -18.24 0.54 -9.34
C ASN A 221 -17.72 -0.88 -9.52
N GLN A 222 -17.09 -1.16 -10.65
CA GLN A 222 -16.59 -2.51 -10.95
C GLN A 222 -15.42 -2.94 -10.06
N LEU A 223 -14.76 -1.99 -9.42
CA LEU A 223 -13.55 -2.29 -8.65
C LEU A 223 -13.75 -3.36 -7.60
N ILE A 224 -14.88 -3.30 -6.91
CA ILE A 224 -15.11 -4.24 -5.82
C ILE A 224 -15.18 -5.68 -6.30
N SER A 225 -15.91 -5.93 -7.38
CA SER A 225 -16.06 -7.31 -7.84
C SER A 225 -14.72 -7.82 -8.39
N ARG A 226 -13.95 -6.91 -8.97
CA ARG A 226 -12.64 -7.25 -9.47
C ARG A 226 -11.67 -7.56 -8.33
N TRP A 227 -11.60 -6.68 -7.32
CA TRP A 227 -10.85 -7.07 -6.12
C TRP A 227 -11.31 -8.43 -5.60
N GLN A 228 -12.62 -8.66 -5.55
CA GLN A 228 -13.12 -9.92 -4.99
C GLN A 228 -12.71 -11.14 -5.81
N LYS A 229 -12.76 -10.99 -7.13
CA LYS A 229 -12.36 -12.05 -8.06
C LYS A 229 -10.89 -12.37 -7.89
N CYS A 230 -10.08 -11.34 -7.72
CA CYS A 230 -8.66 -11.53 -7.46
C CYS A 230 -8.45 -12.33 -6.19
N VAL A 231 -9.12 -11.93 -5.11
CA VAL A 231 -9.03 -12.66 -3.85
C VAL A 231 -9.52 -14.10 -4.08
N ASP A 232 -10.59 -14.23 -4.85
CA ASP A 232 -11.20 -15.55 -5.06
C ASP A 232 -10.33 -16.53 -5.85
N CYS A 233 -9.45 -16.03 -6.70
N CYS A 233 -9.46 -15.96 -6.68
CA CYS A 233 -8.54 -16.97 -7.36
CA CYS A 233 -8.50 -16.71 -7.47
C CYS A 233 -7.14 -16.84 -6.80
C CYS A 233 -7.12 -16.77 -6.81
N ASN A 234 -7.07 -16.48 -5.52
CA ASN A 234 -5.80 -16.45 -4.79
C ASN A 234 -4.73 -15.57 -5.44
N GLY A 235 -5.17 -14.49 -6.07
CA GLY A 235 -4.21 -13.55 -6.62
C GLY A 235 -3.80 -13.80 -8.05
N SER A 236 -4.34 -14.83 -8.68
CA SER A 236 -4.10 -15.02 -10.10
C SER A 236 -4.90 -14.00 -10.91
N TYR A 237 -4.65 -13.96 -12.23
CA TYR A 237 -5.56 -13.29 -13.13
C TYR A 237 -6.89 -14.03 -13.14
N PHE A 238 -7.97 -13.35 -13.51
CA PHE A 238 -9.29 -13.96 -13.48
C PHE A 238 -10.03 -13.82 -14.82
N ASP A 239 -9.44 -13.04 -15.73
CA ASP A 239 -9.98 -12.89 -17.09
C ASP A 239 -8.89 -12.58 -18.12
N VAL B 8 24.00 -3.98 5.26
CA VAL B 8 24.31 -3.41 6.57
C VAL B 8 23.21 -3.73 7.60
N LYS B 9 23.48 -3.43 8.88
CA LYS B 9 22.53 -3.74 9.95
C LYS B 9 21.86 -2.48 10.49
N LYS B 10 20.53 -2.52 10.53
CA LYS B 10 19.73 -1.40 11.02
C LYS B 10 18.59 -1.90 11.89
N LEU B 11 18.58 -1.50 13.16
CA LEU B 11 17.56 -1.94 14.08
C LEU B 11 17.41 -3.47 14.05
N ASP B 12 18.54 -4.17 14.05
CA ASP B 12 18.59 -5.64 14.06
C ASP B 12 18.25 -6.28 12.72
N LYS B 13 17.64 -5.52 11.80
CA LYS B 13 17.34 -6.02 10.47
C LYS B 13 18.47 -5.65 9.52
N TRP B 14 18.60 -6.39 8.42
CA TRP B 14 19.60 -6.06 7.42
C TRP B 14 19.02 -5.17 6.32
N VAL B 15 19.79 -4.15 5.95
CA VAL B 15 19.31 -3.06 5.13
C VAL B 15 20.42 -2.59 4.19
N PRO B 16 20.06 -2.12 2.99
CA PRO B 16 21.06 -1.66 2.02
C PRO B 16 22.01 -0.63 2.62
N HIS B 17 23.30 -0.79 2.34
CA HIS B 17 24.31 0.17 2.77
C HIS B 17 23.94 1.53 2.23
N GLU B 18 23.31 1.53 1.07
CA GLU B 18 22.80 2.76 0.48
C GLU B 18 21.50 2.45 -0.26
N LEU B 19 20.43 3.11 0.15
CA LEU B 19 19.12 2.88 -0.47
C LEU B 19 19.16 3.37 -1.91
N THR B 20 18.66 2.54 -2.82
CA THR B 20 18.53 2.96 -4.21
C THR B 20 17.51 4.09 -4.26
N GLU B 21 17.52 4.83 -5.37
CA GLU B 21 16.58 5.93 -5.54
C GLU B 21 15.15 5.38 -5.52
N ASN B 22 14.97 4.16 -6.03
CA ASN B 22 13.63 3.57 -6.07
C ASN B 22 13.15 3.13 -4.70
N GLN B 23 14.08 2.66 -3.88
CA GLN B 23 13.74 2.31 -2.50
C GLN B 23 13.38 3.56 -1.70
N LYS B 24 14.04 4.68 -1.99
CA LYS B 24 13.70 5.96 -1.38
C LYS B 24 12.35 6.50 -1.86
N ASN B 25 12.09 6.37 -3.16
CA ASN B 25 10.79 6.78 -3.68
C ASN B 25 9.66 5.97 -3.04
N ARG B 26 9.90 4.69 -2.81
CA ARG B 26 8.88 3.84 -2.24
C ARG B 26 8.58 4.25 -0.79
N ARG B 27 9.63 4.49 -0.01
CA ARG B 27 9.45 4.95 1.37
C ARG B 27 8.73 6.29 1.41
N PHE B 28 9.14 7.20 0.54
CA PHE B 28 8.47 8.50 0.40
C PHE B 28 6.98 8.38 0.10
N GLU B 29 6.67 7.62 -0.95
CA GLU B 29 5.28 7.41 -1.42
C GLU B 29 4.37 6.90 -0.30
N VAL B 30 4.78 5.79 0.30
CA VAL B 30 4.00 5.20 1.38
C VAL B 30 3.89 6.12 2.57
N SER B 31 5.01 6.72 2.99
CA SER B 31 4.99 7.65 4.10
C SER B 31 4.00 8.78 3.85
N SER B 32 4.11 9.42 2.69
CA SER B 32 3.23 10.52 2.34
C SER B 32 1.78 10.07 2.38
N SER B 33 1.51 8.92 1.79
CA SER B 33 0.13 8.47 1.70
C SER B 33 -0.47 8.09 3.06
N LEU B 34 0.35 7.53 3.94
CA LEU B 34 -0.10 7.24 5.30
C LEU B 34 -0.43 8.47 6.15
N ILE B 35 0.44 9.48 6.08
CA ILE B 35 0.15 10.74 6.72
C ILE B 35 -1.18 11.29 6.23
N LEU B 36 -1.35 11.34 4.91
CA LEU B 36 -2.56 11.92 4.32
C LEU B 36 -3.78 11.11 4.67
N ARG B 37 -3.63 9.79 4.64
CA ARG B 37 -4.75 8.92 5.00
C ARG B 37 -5.17 9.17 6.44
N ASN B 38 -4.21 9.28 7.36
CA ASN B 38 -4.53 9.48 8.78
C ASN B 38 -5.16 10.85 9.03
N HIS B 39 -4.74 11.86 8.29
CA HIS B 39 -5.46 13.15 8.30
C HIS B 39 -6.90 13.01 7.80
N ASN B 40 -7.08 12.34 6.66
CA ASN B 40 -8.41 12.18 6.04
C ASN B 40 -9.33 11.33 6.92
N GLU B 41 -8.80 10.21 7.41
CA GLU B 41 -9.60 9.26 8.18
C GLU B 41 -8.71 8.61 9.24
N PRO B 42 -8.55 9.26 10.41
CA PRO B 42 -7.56 8.80 11.40
C PRO B 42 -7.74 7.32 11.74
N PHE B 43 -6.64 6.61 11.86
CA PHE B 43 -6.71 5.17 12.04
C PHE B 43 -5.68 4.62 13.01
N LEU B 44 -4.87 5.48 13.64
CA LEU B 44 -3.79 4.95 14.51
C LEU B 44 -4.31 4.06 15.60
N ASP B 45 -5.48 4.39 16.15
CA ASP B 45 -6.07 3.60 17.22
C ASP B 45 -6.49 2.19 16.79
N ARG B 46 -6.46 1.92 15.48
CA ARG B 46 -6.89 0.61 14.97
C ARG B 46 -5.73 -0.33 14.67
N ILE B 47 -4.52 0.19 14.76
CA ILE B 47 -3.33 -0.51 14.30
C ILE B 47 -2.92 -1.62 15.28
N VAL B 48 -2.71 -2.81 14.74
CA VAL B 48 -2.11 -3.92 15.48
C VAL B 48 -0.79 -4.14 14.77
N THR B 49 0.29 -4.40 15.51
CA THR B 49 1.57 -4.59 14.84
C THR B 49 2.34 -5.71 15.52
N CYS B 50 3.34 -6.26 14.84
CA CYS B 50 4.01 -7.44 15.35
C CYS B 50 5.37 -7.62 14.70
N ASP B 51 6.21 -8.47 15.27
CA ASP B 51 7.44 -8.85 14.62
C ASP B 51 8.04 -9.98 15.43
N GLU B 52 9.14 -10.53 14.94
CA GLU B 52 9.81 -11.64 15.62
C GLU B 52 11.20 -11.25 16.08
N LYS B 53 11.76 -12.01 17.03
CA LYS B 53 13.08 -11.66 17.52
C LYS B 53 13.71 -12.92 18.08
N TRP B 54 15.00 -13.07 17.85
CA TRP B 54 15.75 -14.19 18.43
C TRP B 54 16.17 -13.81 19.82
N ILE B 55 15.83 -14.66 20.79
CA ILE B 55 16.25 -14.45 22.16
C ILE B 55 17.35 -15.46 22.47
N LEU B 56 18.52 -14.97 22.88
CA LEU B 56 19.68 -15.83 23.06
C LEU B 56 19.78 -16.35 24.49
N TYR B 57 20.31 -17.56 24.64
CA TYR B 57 20.55 -18.09 25.98
C TYR B 57 21.75 -19.04 25.97
N ASP B 58 22.07 -19.59 27.14
CA ASP B 58 23.31 -20.32 27.28
C ASP B 58 24.44 -19.41 26.82
N ASN B 59 24.33 -18.14 27.19
CA ASN B 59 25.30 -17.13 26.74
C ASN B 59 26.03 -16.43 27.88
N PRO B 83 20.73 -25.41 20.65
CA PRO B 83 20.41 -24.31 19.74
C PRO B 83 20.85 -22.95 20.29
N LYS B 84 20.59 -22.70 21.56
CA LYS B 84 21.11 -21.49 22.19
C LYS B 84 20.27 -20.25 21.83
N LYS B 85 19.09 -20.46 21.23
CA LYS B 85 18.20 -19.34 20.92
C LYS B 85 16.79 -19.79 20.57
N VAL B 86 15.82 -18.97 20.96
CA VAL B 86 14.41 -19.26 20.76
C VAL B 86 13.77 -18.02 20.15
N MET B 87 12.95 -18.21 19.13
CA MET B 87 12.27 -17.09 18.50
C MET B 87 11.00 -16.75 19.25
N VAL B 88 10.77 -15.45 19.48
CA VAL B 88 9.53 -15.03 20.10
C VAL B 88 8.76 -14.18 19.09
N THR B 89 7.44 -14.26 19.09
CA THR B 89 6.62 -13.35 18.26
C THR B 89 5.78 -12.51 19.20
N ILE B 90 5.66 -11.22 18.92
CA ILE B 90 4.90 -10.33 19.79
C ILE B 90 3.91 -9.54 18.94
N TRP B 91 2.69 -9.40 19.43
CA TRP B 91 1.63 -8.65 18.77
C TRP B 91 1.11 -7.65 19.77
N TRP B 92 0.89 -6.40 19.34
CA TRP B 92 0.45 -5.40 20.29
C TRP B 92 -0.25 -4.26 19.55
N SER B 93 -0.94 -3.40 20.28
CA SER B 93 -1.57 -2.24 19.67
C SER B 93 -1.43 -1.04 20.58
N ALA B 94 -1.90 0.12 20.12
CA ALA B 94 -1.87 1.33 20.93
C ALA B 94 -2.49 1.06 22.29
N ALA B 95 -3.33 0.04 22.35
CA ALA B 95 -4.01 -0.34 23.59
C ALA B 95 -3.13 -1.18 24.53
N GLY B 96 -2.07 -1.78 24.01
CA GLY B 96 -1.19 -2.60 24.86
C GLY B 96 -0.78 -3.92 24.25
N LEU B 97 -0.15 -4.77 25.06
CA LEU B 97 0.28 -6.09 24.63
C LEU B 97 -0.92 -6.97 24.28
N ILE B 98 -0.90 -7.64 23.14
CA ILE B 98 -2.01 -8.52 22.83
C ILE B 98 -1.64 -9.98 23.08
N HIS B 99 -0.46 -10.39 22.61
CA HIS B 99 -0.11 -11.80 22.59
C HIS B 99 1.36 -11.93 22.24
N TYR B 100 2.06 -12.89 22.84
CA TYR B 100 3.38 -13.25 22.36
C TYR B 100 3.53 -14.74 22.52
N SER B 101 4.42 -15.35 21.77
CA SER B 101 4.64 -16.79 21.94
C SER B 101 6.04 -17.16 21.55
N PHE B 102 6.53 -18.24 22.12
CA PHE B 102 7.87 -18.71 21.82
C PHE B 102 7.78 -19.94 20.93
N LEU B 103 8.64 -19.99 19.93
CA LEU B 103 8.80 -21.20 19.15
C LEU B 103 9.76 -22.13 19.89
N ASN B 104 9.69 -23.42 19.59
CA ASN B 104 10.63 -24.37 20.17
C ASN B 104 12.02 -24.15 19.61
N PRO B 105 13.05 -24.35 20.43
CA PRO B 105 14.42 -24.25 19.91
C PRO B 105 14.60 -25.16 18.70
N GLY B 106 15.40 -24.74 17.73
CA GLY B 106 15.60 -25.54 16.53
C GLY B 106 14.38 -25.60 15.61
N GLU B 107 13.34 -24.86 15.96
CA GLU B 107 12.11 -24.86 15.19
C GLU B 107 11.98 -23.55 14.43
N THR B 108 11.77 -23.65 13.13
CA THR B 108 11.70 -22.47 12.27
C THR B 108 10.26 -22.13 11.92
N ILE B 109 9.92 -20.85 11.96
CA ILE B 109 8.55 -20.41 11.73
C ILE B 109 8.16 -20.48 10.25
N THR B 110 6.97 -21.04 10.01
CA THR B 110 6.44 -21.21 8.67
C THR B 110 5.19 -20.36 8.48
N SER B 111 4.72 -20.24 7.25
CA SER B 111 3.49 -19.49 7.00
C SER B 111 2.31 -20.16 7.69
N GLU B 112 2.27 -21.48 7.64
CA GLU B 112 1.21 -22.26 8.27
C GLU B 112 1.12 -22.02 9.79
N LYS B 113 2.26 -21.88 10.44
CA LYS B 113 2.28 -21.66 11.88
C LYS B 113 1.97 -20.21 12.26
N TYR B 114 2.46 -19.27 11.45
CA TYR B 114 2.12 -17.86 11.62
C TYR B 114 0.59 -17.66 11.52
N ALA B 115 -0.04 -18.36 10.58
CA ALA B 115 -1.49 -18.29 10.45
C ALA B 115 -2.17 -18.74 11.74
N GLN B 116 -1.62 -19.77 12.37
CA GLN B 116 -2.16 -20.27 13.63
C GLN B 116 -1.99 -19.25 14.75
N GLU B 117 -0.86 -18.54 14.73
CA GLU B 117 -0.59 -17.49 15.69
C GLU B 117 -1.59 -16.32 15.56
N ILE B 118 -1.85 -15.93 14.32
CA ILE B 118 -2.81 -14.87 14.04
C ILE B 118 -4.18 -15.22 14.65
N ASP B 119 -4.61 -16.47 14.50
CA ASP B 119 -5.86 -16.92 15.10
C ASP B 119 -5.86 -16.73 16.63
N GLU B 120 -4.78 -17.16 17.28
CA GLU B 120 -4.67 -17.02 18.73
C GLU B 120 -4.68 -15.54 19.14
N MET B 121 -3.92 -14.72 18.42
CA MET B 121 -3.82 -13.28 18.72
C MET B 121 -5.19 -12.64 18.56
N ASN B 122 -5.86 -13.03 17.49
CA ASN B 122 -7.19 -12.52 17.19
C ASN B 122 -8.21 -12.85 18.28
N GLN B 123 -8.14 -14.06 18.83
CA GLN B 123 -9.04 -14.43 19.92
C GLN B 123 -8.79 -13.52 21.12
N LYS B 124 -7.51 -13.29 21.39
CA LYS B 124 -7.15 -12.43 22.50
C LYS B 124 -7.58 -11.01 22.22
N LEU B 125 -7.37 -10.58 21.00
CA LEU B 125 -7.73 -9.21 20.61
C LEU B 125 -9.23 -9.03 20.78
N GLN B 126 -10.00 -10.01 20.31
CA GLN B 126 -11.46 -9.93 20.41
C GLN B 126 -11.90 -9.80 21.87
N ARG B 127 -11.22 -10.52 22.76
CA ARG B 127 -11.57 -10.49 24.18
C ARG B 127 -11.23 -9.16 24.84
N LEU B 128 -10.07 -8.61 24.52
CA LEU B 128 -9.70 -7.28 25.01
C LEU B 128 -10.68 -6.21 24.53
N GLN B 129 -11.19 -6.36 23.31
CA GLN B 129 -12.05 -5.33 22.72
C GLN B 129 -13.46 -5.29 23.35
N LEU B 130 -13.65 -6.05 24.42
CA LEU B 130 -14.93 -6.02 25.14
C LEU B 130 -14.90 -5.09 26.34
N LYS B 136 -13.23 -1.72 17.10
CA LYS B 136 -13.09 -1.31 15.71
C LYS B 136 -12.26 -2.31 14.87
N ARG B 137 -12.44 -2.27 13.56
CA ARG B 137 -11.76 -3.18 12.65
C ARG B 137 -10.25 -2.98 12.70
N PRO B 138 -9.50 -4.04 13.02
CA PRO B 138 -8.04 -3.92 13.13
C PRO B 138 -7.39 -3.72 11.77
N ILE B 139 -6.27 -3.00 11.78
CA ILE B 139 -5.42 -2.87 10.62
C ILE B 139 -4.04 -3.36 11.02
N LEU B 140 -3.47 -4.29 10.25
CA LEU B 140 -2.19 -4.88 10.62
C LEU B 140 -1.03 -4.09 9.98
N LEU B 141 -0.06 -3.69 10.78
CA LEU B 141 1.18 -3.14 10.26
C LEU B 141 2.26 -4.20 10.54
N HIS B 142 2.85 -4.73 9.48
CA HIS B 142 3.88 -5.72 9.60
C HIS B 142 4.78 -5.72 8.39
N ASP B 143 5.90 -6.41 8.50
CA ASP B 143 6.85 -6.53 7.40
C ASP B 143 6.43 -7.68 6.48
N ASN B 144 5.86 -7.36 5.32
CA ASN B 144 5.32 -8.41 4.47
C ASN B 144 6.35 -9.10 3.59
N ALA B 145 7.62 -8.71 3.75
CA ALA B 145 8.73 -9.34 3.03
C ALA B 145 9.20 -10.61 3.72
N ARG B 146 8.81 -10.79 4.98
CA ARG B 146 9.17 -12.01 5.69
C ARG B 146 8.65 -13.23 4.92
N PRO B 147 9.48 -14.28 4.84
CA PRO B 147 9.14 -15.53 4.14
C PRO B 147 7.85 -16.20 4.61
N HIS B 148 7.55 -16.14 5.90
CA HIS B 148 6.35 -16.79 6.39
C HIS B 148 5.08 -15.98 6.15
N VAL B 149 5.19 -14.91 5.37
CA VAL B 149 4.00 -14.19 4.91
C VAL B 149 3.66 -14.63 3.49
N ALA B 150 3.28 -15.89 3.39
CA ALA B 150 2.92 -16.50 2.12
C ALA B 150 1.41 -16.76 2.11
N GLN B 151 0.95 -17.58 1.18
CA GLN B 151 -0.48 -17.71 0.97
C GLN B 151 -1.31 -18.10 2.21
N PRO B 152 -0.81 -19.01 3.08
CA PRO B 152 -1.68 -19.39 4.20
C PRO B 152 -1.92 -18.24 5.17
N THR B 153 -0.89 -17.43 5.38
CA THR B 153 -1.01 -16.24 6.19
C THR B 153 -1.98 -15.22 5.59
N LEU B 154 -1.87 -15.01 4.30
CA LEU B 154 -2.69 -14.00 3.61
C LEU B 154 -4.15 -14.42 3.61
N GLN B 155 -4.39 -15.72 3.42
CA GLN B 155 -5.74 -16.27 3.50
C GLN B 155 -6.32 -16.04 4.88
N LYS B 156 -5.54 -16.30 5.92
CA LYS B 156 -6.01 -16.13 7.30
C LYS B 156 -6.42 -14.68 7.60
N LEU B 157 -5.59 -13.73 7.16
CA LEU B 157 -5.83 -12.32 7.42
C LEU B 157 -7.13 -11.87 6.73
N ASN B 158 -7.29 -12.29 5.48
CA ASN B 158 -8.52 -12.03 4.73
C ASN B 158 -9.73 -12.68 5.41
N GLU B 159 -9.58 -13.93 5.81
CA GLU B 159 -10.63 -14.66 6.53
C GLU B 159 -11.14 -13.90 7.76
N LEU B 160 -10.21 -13.31 8.50
CA LEU B 160 -10.53 -12.68 9.78
C LEU B 160 -10.83 -11.19 9.61
N GLY B 161 -10.73 -10.71 8.37
CA GLY B 161 -11.09 -9.34 8.03
C GLY B 161 -10.04 -8.30 8.45
N TYR B 162 -8.76 -8.68 8.43
CA TYR B 162 -7.69 -7.72 8.72
C TYR B 162 -7.22 -6.99 7.47
N GLU B 163 -7.41 -5.68 7.47
CA GLU B 163 -6.80 -4.84 6.49
C GLU B 163 -5.30 -4.83 6.83
N VAL B 164 -4.44 -4.65 5.84
CA VAL B 164 -2.99 -4.52 6.07
C VAL B 164 -2.51 -3.18 5.53
N LEU B 165 -1.64 -2.50 6.26
CA LEU B 165 -1.18 -1.19 5.86
C LEU B 165 -0.02 -1.38 4.88
N PRO B 166 0.05 -0.54 3.85
CA PRO B 166 1.20 -0.52 2.94
C PRO B 166 2.48 -0.33 3.74
N HIS B 167 3.58 -0.95 3.36
CA HIS B 167 4.86 -0.80 4.06
C HIS B 167 6.00 -0.94 3.06
N PRO B 168 6.90 0.05 2.98
CA PRO B 168 7.97 -0.05 1.99
C PRO B 168 9.08 -0.98 2.47
N PRO B 169 9.83 -1.57 1.53
CA PRO B 169 10.97 -2.45 1.81
C PRO B 169 12.03 -1.78 2.68
N TYR B 170 12.79 -2.59 3.42
CA TYR B 170 13.95 -2.12 4.16
C TYR B 170 13.64 -0.93 5.05
N SER B 171 12.53 -0.98 5.77
CA SER B 171 12.12 0.14 6.59
C SER B 171 11.76 -0.23 8.03
N PRO B 172 12.73 -0.78 8.78
CA PRO B 172 12.49 -1.04 10.21
C PRO B 172 12.24 0.26 10.97
N ASP B 173 12.73 1.37 10.43
CA ASP B 173 12.55 2.65 11.11
C ASP B 173 11.10 3.09 11.09
N LEU B 174 10.28 2.37 10.33
CA LEU B 174 8.84 2.65 10.25
C LEU B 174 7.99 1.53 10.87
N LEU B 175 8.64 0.60 11.56
CA LEU B 175 7.93 -0.50 12.21
C LEU B 175 8.11 -0.36 13.71
N PRO B 176 7.03 -0.02 14.41
CA PRO B 176 7.08 0.32 15.85
C PRO B 176 7.67 -0.81 16.72
N THR B 177 7.43 -2.06 16.37
CA THR B 177 8.02 -3.15 17.16
C THR B 177 9.56 -3.05 17.11
N ASN B 178 10.08 -2.63 15.97
CA ASN B 178 11.53 -2.50 15.78
C ASN B 178 12.11 -1.21 16.31
N TYR B 179 11.53 -0.06 15.97
CA TYR B 179 12.08 1.20 16.39
C TYR B 179 11.75 1.53 17.86
N HIS B 180 10.75 0.88 18.43
CA HIS B 180 10.35 1.23 19.79
C HIS B 180 10.48 0.03 20.75
N VAL B 181 9.60 -0.96 20.61
CA VAL B 181 9.55 -2.06 21.57
C VAL B 181 10.89 -2.80 21.70
N PHE B 182 11.44 -3.26 20.59
CA PHE B 182 12.68 -4.01 20.61
C PHE B 182 13.87 -3.13 20.97
N LYS B 183 13.80 -1.85 20.64
CA LYS B 183 14.85 -0.91 21.06
C LYS B 183 15.00 -0.91 22.58
N HIS B 184 13.90 -0.67 23.28
CA HIS B 184 13.94 -0.66 24.73
C HIS B 184 14.24 -2.05 25.33
N LEU B 185 13.74 -3.10 24.69
CA LEU B 185 14.03 -4.46 25.16
C LEU B 185 15.51 -4.74 25.11
N ASN B 186 16.13 -4.41 23.97
CA ASN B 186 17.56 -4.56 23.79
C ASN B 186 18.38 -3.83 24.87
N ASN B 187 17.95 -2.62 25.23
CA ASN B 187 18.60 -1.91 26.33
C ASN B 187 18.43 -2.65 27.66
N PHE B 188 17.26 -3.24 27.86
CA PHE B 188 16.97 -4.02 29.07
C PHE B 188 17.78 -5.32 29.13
N LEU B 189 18.08 -5.88 27.97
CA LEU B 189 18.82 -7.14 27.92
C LEU B 189 20.33 -6.91 27.94
N GLN B 190 20.74 -5.67 27.68
CA GLN B 190 22.15 -5.33 27.59
C GLN B 190 22.87 -5.85 28.83
N GLY B 191 23.90 -6.66 28.61
CA GLY B 191 24.76 -7.11 29.69
C GLY B 191 24.22 -8.30 30.46
N LYS B 192 23.11 -8.86 29.99
CA LYS B 192 22.53 -10.02 30.67
C LYS B 192 22.87 -11.31 29.95
N ARG B 193 23.09 -12.37 30.73
CA ARG B 193 23.33 -13.68 30.18
C ARG B 193 22.36 -14.64 30.81
N PHE B 194 21.94 -15.62 30.02
CA PHE B 194 21.02 -16.65 30.48
C PHE B 194 21.64 -17.97 30.11
N HIS B 195 21.55 -18.94 31.00
CA HIS B 195 22.15 -20.22 30.68
C HIS B 195 21.05 -21.21 30.35
N ASN B 196 19.82 -20.88 30.76
CA ASN B 196 18.62 -21.69 30.46
C ASN B 196 17.69 -20.97 29.49
N GLN B 197 17.06 -21.73 28.59
CA GLN B 197 15.99 -21.24 27.73
C GLN B 197 14.90 -20.58 28.58
N GLN B 198 14.60 -21.20 29.71
CA GLN B 198 13.55 -20.67 30.59
C GLN B 198 13.92 -19.30 31.15
N ASP B 199 15.20 -19.12 31.50
CA ASP B 199 15.64 -17.85 32.03
C ASP B 199 15.48 -16.74 30.98
N ALA B 200 15.89 -17.03 29.74
CA ALA B 200 15.79 -16.05 28.67
C ALA B 200 14.33 -15.66 28.39
N GLU B 201 13.42 -16.64 28.42
CA GLU B 201 12.00 -16.38 28.20
C GLU B 201 11.40 -15.56 29.33
N ASN B 202 11.79 -15.88 30.55
CA ASN B 202 11.33 -15.14 31.73
C ASN B 202 11.78 -13.69 31.71
N ALA B 203 12.92 -13.41 31.10
CA ALA B 203 13.41 -12.03 31.02
C ALA B 203 12.54 -11.27 30.02
N PHE B 204 12.31 -11.88 28.87
CA PHE B 204 11.46 -11.24 27.86
C PHE B 204 10.11 -10.93 28.47
N GLN B 205 9.54 -11.95 29.10
CA GLN B 205 8.24 -11.82 29.72
C GLN B 205 8.23 -10.68 30.72
N GLU B 206 9.21 -10.67 31.62
CA GLU B 206 9.34 -9.63 32.63
C GLU B 206 9.26 -8.26 31.98
N PHE B 207 10.11 -8.01 31.00
CA PHE B 207 10.09 -6.75 30.25
C PHE B 207 8.73 -6.37 29.64
N VAL B 208 8.21 -7.18 28.73
CA VAL B 208 7.05 -6.74 27.94
C VAL B 208 5.82 -6.62 28.83
N GLU B 209 5.77 -7.43 29.87
CA GLU B 209 4.58 -7.47 30.72
C GLU B 209 4.62 -6.41 31.81
N SER B 210 5.78 -5.82 32.03
CA SER B 210 5.93 -4.82 33.08
C SER B 210 5.69 -3.40 32.54
N GLN B 211 5.67 -3.25 31.21
CA GLN B 211 5.46 -1.92 30.61
C GLN B 211 4.02 -1.46 30.75
N SER B 212 3.82 -0.16 30.85
CA SER B 212 2.48 0.39 30.90
C SER B 212 1.85 0.33 29.51
N THR B 213 0.53 0.41 29.45
CA THR B 213 -0.16 0.51 28.18
C THR B 213 0.29 1.77 27.45
N ASP B 214 0.64 2.80 28.21
CA ASP B 214 1.08 4.08 27.63
C ASP B 214 2.38 3.91 26.85
N PHE B 215 3.21 2.98 27.27
CA PHE B 215 4.47 2.68 26.59
C PHE B 215 4.23 2.15 25.18
N TYR B 216 3.21 1.31 25.02
CA TYR B 216 2.83 0.82 23.69
C TYR B 216 2.15 1.93 22.87
N TRP B 217 1.25 2.66 23.50
CA TRP B 217 0.61 3.78 22.81
C TRP B 217 1.66 4.75 22.22
N THR B 218 2.68 5.08 23.00
CA THR B 218 3.74 5.98 22.52
C THR B 218 4.42 5.47 21.26
N GLY B 219 4.66 4.16 21.20
CA GLY B 219 5.24 3.55 20.01
C GLY B 219 4.42 3.79 18.75
N ILE B 220 3.11 3.64 18.87
CA ILE B 220 2.22 3.84 17.73
C ILE B 220 2.07 5.33 17.39
N ASN B 221 1.82 6.15 18.41
CA ASN B 221 1.51 7.54 18.08
C ASN B 221 2.70 8.28 17.50
N GLN B 222 3.90 7.74 17.71
CA GLN B 222 5.13 8.18 17.06
C GLN B 222 5.20 8.01 15.54
N LEU B 223 4.33 7.20 14.96
CA LEU B 223 4.38 6.93 13.52
C LEU B 223 4.30 8.17 12.63
N ILE B 224 3.42 9.09 12.99
CA ILE B 224 3.16 10.25 12.16
C ILE B 224 4.41 11.09 12.05
N SER B 225 5.13 11.26 13.18
CA SER B 225 6.35 12.07 13.16
C SER B 225 7.38 11.38 12.29
N ARG B 226 7.43 10.06 12.35
CA ARG B 226 8.37 9.29 11.55
C ARG B 226 8.06 9.26 10.05
N TRP B 227 6.79 9.08 9.68
CA TRP B 227 6.41 9.19 8.27
C TRP B 227 6.82 10.56 7.76
N GLN B 228 6.54 11.59 8.56
CA GLN B 228 6.81 12.95 8.11
C GLN B 228 8.31 13.20 7.97
N LYS B 229 9.11 12.59 8.85
CA LYS B 229 10.55 12.75 8.76
C LYS B 229 11.04 12.12 7.47
N CYS B 230 10.43 10.99 7.14
CA CYS B 230 10.84 10.24 5.97
C CYS B 230 10.57 11.09 4.74
N VAL B 231 9.40 11.74 4.70
CA VAL B 231 9.03 12.62 3.61
C VAL B 231 10.00 13.81 3.52
N ASP B 232 10.29 14.43 4.68
CA ASP B 232 11.26 15.53 4.80
C ASP B 232 12.65 15.14 4.33
N CYS B 233 12.99 13.86 4.43
CA CYS B 233 14.28 13.40 3.96
C CYS B 233 14.20 12.79 2.57
N ASN B 234 13.11 13.05 1.87
CA ASN B 234 12.91 12.56 0.51
C ASN B 234 13.04 11.04 0.43
N GLY B 235 12.56 10.34 1.46
CA GLY B 235 12.61 8.89 1.45
C GLY B 235 13.88 8.25 1.96
N SER B 236 14.92 9.03 2.27
CA SER B 236 16.12 8.42 2.89
C SER B 236 15.81 7.99 4.33
N TYR B 237 16.77 7.31 4.95
CA TYR B 237 16.77 7.12 6.41
C TYR B 237 16.99 8.47 7.09
N PHE B 238 16.54 8.58 8.34
CA PHE B 238 16.63 9.84 9.07
C PHE B 238 17.22 9.63 10.45
N ASP B 239 17.61 8.40 10.73
CA ASP B 239 18.33 8.09 11.97
C ASP B 239 18.98 6.71 11.89
CA CA C . -0.46 1.74 -18.03
C1 EDO D . -11.43 17.79 -19.57
O1 EDO D . -12.79 17.41 -19.79
C2 EDO D . -10.81 18.24 -20.89
O2 EDO D . -9.39 18.21 -20.78
C1 EDO E . 2.87 -2.99 -13.48
O1 EDO E . 4.09 -3.25 -12.75
C2 EDO E . 2.37 -1.61 -13.07
O2 EDO E . 2.23 -1.55 -11.65
C1 EDO F . 8.02 -4.36 -10.27
O1 EDO F . 7.99 -5.79 -10.28
C2 EDO F . 7.00 -3.87 -11.30
O2 EDO F . 7.16 -2.45 -11.49
C1 EDO G . 11.83 9.51 -16.26
O1 EDO G . 11.37 10.83 -16.03
C2 EDO G . 10.69 8.75 -16.91
O2 EDO G . 10.79 8.92 -18.33
C1 EDO H . 10.51 3.97 29.15
O1 EDO H . 9.34 3.50 29.82
C2 EDO H . 11.19 2.77 28.47
O2 EDO H . 10.88 1.59 29.23
#